data_1OVZ
#
_entry.id   1OVZ
#
_cell.length_a   158.150
_cell.length_b   158.150
_cell.length_c   39.910
_cell.angle_alpha   90.00
_cell.angle_beta   90.00
_cell.angle_gamma   90.00
#
_symmetry.space_group_name_H-M   'I 41'
#
loop_
_entity.id
_entity.type
_entity.pdbx_description
1 polymer 'Immunoglobulin alpha Fc receptor'
2 branched 2-acetamido-2-deoxy-beta-D-glucopyranose-(1-4)-2-acetamido-2-deoxy-beta-D-glucopyranose
3 non-polymer 2-acetamido-2-deoxy-beta-D-glucopyranose
4 non-polymer 2-AMINO-2-HYDROXYMETHYL-PROPANE-1,3-DIOL
#
_entity_poly.entity_id   1
_entity_poly.type   'polypeptide(L)'
_entity_poly.pdbx_seq_one_letter_code
;QEGDFPMPFISAKSSPVIPLDGSVKIQCQAIREAYLTQLMIIKNSTYREIGRRLKFWNETDPEFVIDHMDANKAGRYQCQ
YRIGHYRFRYSDTLELVVTGLYGKPFLSADRGLVLMPGENISLTCSSAHIPFDRFSLAKEGELSLPQHQSGEHPANFSLG
PVDLNVSGIYRCYGWYNRSPYLWSFPSNALELVVTAIDGRAHHHHHH
;
_entity_poly.pdbx_strand_id   A,B
#
loop_
_chem_comp.id
_chem_comp.type
_chem_comp.name
_chem_comp.formula
NAG D-saccharide, beta linking 2-acetamido-2-deoxy-beta-D-glucopyranose 'C8 H15 N O6'
TRS non-polymer 2-AMINO-2-HYDROXYMETHYL-PROPANE-1,3-DIOL 'C4 H12 N O3 1'
#
# COMPACT_ATOMS: atom_id res chain seq x y z
N PRO A 6 14.51 11.54 -33.03
CA PRO A 6 15.04 11.09 -31.71
C PRO A 6 15.98 12.12 -31.08
N MET A 7 15.71 12.45 -29.82
CA MET A 7 16.50 13.42 -29.07
C MET A 7 17.50 12.71 -28.18
N PRO A 8 18.68 13.32 -27.98
CA PRO A 8 19.71 12.73 -27.14
C PRO A 8 19.07 12.32 -25.81
N PHE A 9 19.38 11.12 -25.32
CA PHE A 9 18.83 10.63 -24.06
C PHE A 9 19.44 11.37 -22.86
N ILE A 10 18.71 11.37 -21.76
CA ILE A 10 19.15 12.05 -20.54
C ILE A 10 18.76 11.20 -19.35
N SER A 11 19.51 10.13 -19.12
CA SER A 11 19.19 9.25 -18.00
C SER A 11 19.64 9.80 -16.65
N ALA A 12 19.24 9.11 -15.58
CA ALA A 12 19.61 9.49 -14.23
C ALA A 12 20.17 8.23 -13.58
N LYS A 13 21.43 8.31 -13.15
CA LYS A 13 22.10 7.18 -12.52
C LYS A 13 21.46 6.87 -11.18
N SER A 14 21.24 7.89 -10.35
CA SER A 14 20.59 7.69 -9.06
C SER A 14 19.09 7.89 -9.27
N SER A 15 18.28 7.65 -8.25
CA SER A 15 16.85 7.84 -8.42
C SER A 15 16.49 9.31 -8.62
N PRO A 16 15.49 9.59 -9.47
CA PRO A 16 15.00 10.93 -9.79
C PRO A 16 14.24 11.49 -8.61
N VAL A 17 14.09 10.65 -7.61
CA VAL A 17 13.39 11.02 -6.40
C VAL A 17 14.44 11.28 -5.36
N ILE A 18 14.74 12.55 -5.09
CA ILE A 18 15.77 12.85 -4.10
C ILE A 18 15.26 13.48 -2.81
N PRO A 19 15.68 12.90 -1.67
CA PRO A 19 15.25 13.42 -0.36
C PRO A 19 15.73 14.86 -0.21
N LEU A 20 15.10 15.59 0.69
CA LEU A 20 15.43 16.99 0.92
C LEU A 20 16.76 17.48 0.43
N ASP A 21 17.82 17.29 1.23
CA ASP A 21 19.14 17.78 0.83
C ASP A 21 20.05 16.79 0.10
N GLY A 22 19.46 15.83 -0.57
CA GLY A 22 20.25 14.83 -1.28
C GLY A 22 21.09 15.34 -2.44
N SER A 23 21.51 14.41 -3.29
CA SER A 23 22.31 14.70 -4.47
C SER A 23 22.01 13.64 -5.52
N VAL A 24 22.01 14.04 -6.79
CA VAL A 24 21.72 13.12 -7.89
C VAL A 24 22.78 13.21 -8.98
N LYS A 25 22.93 12.12 -9.74
CA LYS A 25 23.90 12.07 -10.83
C LYS A 25 23.15 11.91 -12.14
N ILE A 26 23.33 12.86 -13.05
CA ILE A 26 22.66 12.85 -14.35
C ILE A 26 23.67 12.59 -15.47
N GLN A 27 23.21 11.93 -16.53
CA GLN A 27 24.07 11.61 -17.64
C GLN A 27 23.37 11.95 -18.96
N CYS A 28 24.06 12.70 -19.82
CA CYS A 28 23.50 13.08 -21.12
C CYS A 28 24.15 12.28 -22.22
N GLN A 29 23.45 12.20 -23.34
CA GLN A 29 23.95 11.47 -24.49
C GLN A 29 24.96 12.34 -25.21
N ALA A 30 26.12 11.75 -25.52
CA ALA A 30 27.18 12.46 -26.20
C ALA A 30 26.77 12.89 -27.60
N ILE A 31 27.21 14.07 -28.00
CA ILE A 31 26.92 14.58 -29.33
C ILE A 31 28.24 15.05 -29.92
N ARG A 32 28.82 14.21 -30.77
CA ARG A 32 30.10 14.47 -31.41
C ARG A 32 30.38 15.91 -31.85
N GLU A 33 29.34 16.62 -32.27
CA GLU A 33 29.51 17.98 -32.76
C GLU A 33 29.40 19.09 -31.74
N ALA A 34 29.25 18.74 -30.46
CA ALA A 34 29.10 19.74 -29.41
C ALA A 34 30.41 20.25 -28.83
N TYR A 35 30.63 21.55 -28.90
CA TYR A 35 31.85 22.13 -28.36
C TYR A 35 31.75 22.14 -26.85
N LEU A 36 30.54 22.31 -26.33
CA LEU A 36 30.28 22.35 -24.90
C LEU A 36 28.91 21.76 -24.56
N THR A 37 28.87 20.96 -23.50
CA THR A 37 27.63 20.33 -23.08
C THR A 37 27.39 20.65 -21.61
N GLN A 38 26.28 21.32 -21.32
CA GLN A 38 25.97 21.65 -19.94
C GLN A 38 24.53 21.34 -19.56
N LEU A 39 24.38 20.80 -18.36
CA LEU A 39 23.08 20.45 -17.82
C LEU A 39 22.32 21.74 -17.56
N MET A 40 21.09 21.79 -18.05
CA MET A 40 20.23 22.95 -17.89
C MET A 40 18.97 22.53 -17.16
N ILE A 41 18.40 23.46 -16.42
CA ILE A 41 17.17 23.21 -15.69
C ILE A 41 16.19 24.26 -16.20
N ILE A 42 14.95 23.84 -16.42
CA ILE A 42 13.92 24.74 -16.93
C ILE A 42 13.17 25.46 -15.80
N LYS A 43 12.95 26.76 -15.98
CA LYS A 43 12.21 27.54 -15.01
C LYS A 43 11.50 28.70 -15.73
N ASN A 44 10.17 28.57 -15.84
CA ASN A 44 9.35 29.58 -16.49
C ASN A 44 9.86 29.85 -17.90
N SER A 45 9.86 28.80 -18.72
CA SER A 45 10.31 28.90 -20.09
C SER A 45 11.66 29.59 -20.22
N THR A 46 12.61 29.19 -19.38
CA THR A 46 13.95 29.75 -19.42
C THR A 46 14.97 28.70 -18.95
N TYR A 47 15.97 28.45 -19.77
CA TYR A 47 17.02 27.49 -19.46
C TYR A 47 18.10 28.09 -18.52
N ARG A 48 18.39 27.42 -17.41
CA ARG A 48 19.41 27.91 -16.47
C ARG A 48 20.48 26.86 -16.17
N GLU A 49 21.74 27.26 -16.28
CA GLU A 49 22.87 26.37 -16.03
C GLU A 49 22.79 25.85 -14.61
N ILE A 50 23.06 24.57 -14.43
CA ILE A 50 23.01 23.98 -13.10
C ILE A 50 23.75 22.65 -13.04
N GLY A 51 24.24 22.30 -11.85
CA GLY A 51 24.97 21.06 -11.67
C GLY A 51 26.45 21.20 -11.95
N ARG A 52 27.17 20.09 -11.94
CA ARG A 52 28.60 20.10 -12.18
C ARG A 52 29.07 18.92 -13.03
N ARG A 53 29.96 19.22 -13.97
CA ARG A 53 30.50 18.23 -14.89
C ARG A 53 31.56 17.30 -14.27
N LEU A 54 31.63 16.06 -14.76
CA LEU A 54 32.58 15.07 -14.26
C LEU A 54 33.72 14.79 -15.24
N LYS A 55 34.69 13.96 -14.85
CA LYS A 55 35.85 13.63 -15.69
C LYS A 55 35.75 12.31 -16.48
N PHE A 56 36.50 12.23 -17.58
CA PHE A 56 36.50 11.06 -18.48
C PHE A 56 37.12 9.76 -17.96
N TRP A 57 36.27 8.79 -17.63
CA TRP A 57 36.70 7.48 -17.14
C TRP A 57 35.50 6.57 -16.88
N ASN A 58 35.63 5.30 -17.26
CA ASN A 58 34.56 4.31 -17.07
C ASN A 58 33.28 4.59 -17.85
N GLU A 59 33.25 5.71 -18.59
CA GLU A 59 32.07 6.08 -19.37
C GLU A 59 32.42 7.23 -20.33
N THR A 60 31.64 7.38 -21.40
CA THR A 60 31.88 8.42 -22.39
C THR A 60 30.90 9.58 -22.27
N ASP A 61 29.62 9.28 -22.47
CA ASP A 61 28.56 10.29 -22.38
C ASP A 61 28.73 11.15 -21.13
N PRO A 62 28.72 12.48 -21.29
CA PRO A 62 28.86 13.47 -20.22
C PRO A 62 27.99 13.21 -19.00
N GLU A 63 28.59 13.20 -17.82
CA GLU A 63 27.84 12.99 -16.59
C GLU A 63 27.93 14.24 -15.73
N PHE A 64 26.85 14.53 -15.02
CA PHE A 64 26.84 15.69 -14.14
C PHE A 64 26.37 15.20 -12.79
N VAL A 65 26.41 16.10 -11.83
CA VAL A 65 25.97 15.78 -10.48
C VAL A 65 25.44 17.03 -9.84
N ILE A 66 24.28 16.90 -9.20
CA ILE A 66 23.64 18.01 -8.51
C ILE A 66 23.50 17.56 -7.07
N ASP A 67 24.06 18.34 -6.16
CA ASP A 67 23.99 17.99 -4.74
C ASP A 67 23.16 19.02 -4.01
N HIS A 68 23.08 18.89 -2.69
CA HIS A 68 22.30 19.80 -1.85
C HIS A 68 20.96 20.10 -2.51
N MET A 69 20.18 19.06 -2.79
CA MET A 69 18.88 19.24 -3.41
C MET A 69 17.93 20.10 -2.60
N ASP A 70 17.18 20.95 -3.30
CA ASP A 70 16.19 21.82 -2.68
C ASP A 70 15.10 22.11 -3.70
N ALA A 71 14.07 22.83 -3.28
CA ALA A 71 12.95 23.15 -4.15
C ALA A 71 13.40 23.67 -5.49
N ASN A 72 14.28 24.67 -5.46
CA ASN A 72 14.79 25.29 -6.66
C ASN A 72 15.36 24.32 -7.68
N LYS A 73 15.96 23.22 -7.22
CA LYS A 73 16.55 22.26 -8.15
C LYS A 73 15.58 21.16 -8.61
N ALA A 74 14.35 21.20 -8.11
CA ALA A 74 13.36 20.22 -8.50
C ALA A 74 12.67 20.71 -9.76
N GLY A 75 12.39 19.79 -10.68
CA GLY A 75 11.72 20.17 -11.90
C GLY A 75 12.24 19.48 -13.14
N ARG A 76 12.06 20.13 -14.28
CA ARG A 76 12.49 19.57 -15.56
C ARG A 76 13.93 19.93 -15.91
N TYR A 77 14.64 18.97 -16.48
CA TYR A 77 16.01 19.14 -16.89
C TYR A 77 16.22 18.74 -18.33
N GLN A 78 17.16 19.41 -18.98
CA GLN A 78 17.54 19.10 -20.36
C GLN A 78 19.02 19.34 -20.52
N CYS A 79 19.59 18.78 -21.57
CA CYS A 79 21.01 18.96 -21.82
C CYS A 79 21.16 19.93 -22.96
N GLN A 80 22.01 20.94 -22.78
CA GLN A 80 22.23 21.93 -23.82
C GLN A 80 23.55 21.70 -24.52
N TYR A 81 23.48 21.40 -25.81
CA TYR A 81 24.67 21.17 -26.60
C TYR A 81 24.95 22.36 -27.49
N ARG A 82 26.04 23.08 -27.21
CA ARG A 82 26.42 24.23 -28.01
C ARG A 82 27.23 23.72 -29.18
N ILE A 83 26.59 23.66 -30.34
CA ILE A 83 27.22 23.17 -31.56
C ILE A 83 27.72 24.30 -32.42
N GLY A 84 28.07 25.41 -31.78
CA GLY A 84 28.57 26.55 -32.50
C GLY A 84 28.78 27.67 -31.51
N HIS A 85 29.09 28.86 -31.99
CA HIS A 85 29.26 29.96 -31.07
C HIS A 85 27.95 30.13 -30.34
N TYR A 86 26.88 30.27 -31.11
CA TYR A 86 25.57 30.50 -30.53
C TYR A 86 24.44 29.68 -31.13
N ARG A 87 24.70 28.41 -31.38
CA ARG A 87 23.71 27.52 -31.95
C ARG A 87 23.59 26.29 -31.05
N PHE A 88 22.37 25.92 -30.65
CA PHE A 88 22.25 24.80 -29.74
C PHE A 88 21.19 23.78 -30.10
N ARG A 89 21.22 22.68 -29.38
CA ARG A 89 20.26 21.60 -29.52
C ARG A 89 20.18 20.96 -28.14
N TYR A 90 19.04 20.39 -27.80
CA TYR A 90 18.88 19.82 -26.47
C TYR A 90 18.58 18.34 -26.42
N SER A 91 18.78 17.73 -25.25
CA SER A 91 18.51 16.32 -25.05
C SER A 91 17.03 16.18 -24.75
N ASP A 92 16.59 14.97 -24.44
CA ASP A 92 15.18 14.79 -24.10
C ASP A 92 15.05 15.44 -22.72
N THR A 93 13.86 15.40 -22.14
CA THR A 93 13.67 16.00 -20.83
C THR A 93 13.69 14.97 -19.70
N LEU A 94 14.24 15.38 -18.57
CA LEU A 94 14.31 14.54 -17.39
C LEU A 94 13.63 15.33 -16.26
N GLU A 95 12.96 14.64 -15.37
CA GLU A 95 12.28 15.31 -14.27
C GLU A 95 12.87 14.84 -12.97
N LEU A 96 13.07 15.77 -12.04
CA LEU A 96 13.58 15.40 -10.74
C LEU A 96 12.64 15.98 -9.71
N VAL A 97 12.30 15.19 -8.71
CA VAL A 97 11.42 15.65 -7.62
C VAL A 97 12.18 15.62 -6.32
N VAL A 98 11.88 16.56 -5.44
CA VAL A 98 12.52 16.63 -4.13
C VAL A 98 11.48 16.21 -3.12
N THR A 99 11.89 15.40 -2.16
CA THR A 99 10.96 14.94 -1.13
C THR A 99 11.31 15.51 0.23
N GLY A 100 10.33 15.50 1.14
CA GLY A 100 10.53 16.03 2.48
C GLY A 100 10.10 17.47 2.68
N LEU A 101 9.15 17.92 1.89
CA LEU A 101 8.69 19.30 1.99
C LEU A 101 7.31 19.40 2.62
N TYR A 102 6.69 18.24 2.81
CA TYR A 102 5.38 18.16 3.44
C TYR A 102 5.40 16.93 4.34
N GLY A 103 4.49 16.89 5.31
CA GLY A 103 4.44 15.73 6.19
C GLY A 103 4.01 14.50 5.43
N LYS A 104 4.44 13.34 5.91
CA LYS A 104 4.10 12.06 5.28
C LYS A 104 2.62 11.71 5.32
N PRO A 105 2.12 11.03 4.27
CA PRO A 105 0.72 10.59 4.16
C PRO A 105 0.70 9.16 4.71
N PHE A 106 -0.47 8.53 4.73
CA PHE A 106 -0.57 7.17 5.23
C PHE A 106 -1.03 6.24 4.13
N LEU A 107 -0.32 5.13 3.98
CA LEU A 107 -0.65 4.15 2.95
C LEU A 107 -1.22 2.89 3.62
N SER A 108 -2.23 2.31 2.96
CA SER A 108 -2.91 1.13 3.48
C SER A 108 -3.57 0.34 2.35
N ALA A 109 -4.26 -0.74 2.71
CA ALA A 109 -4.96 -1.56 1.72
C ALA A 109 -6.30 -2.07 2.27
N ASP A 110 -7.19 -2.45 1.36
CA ASP A 110 -8.52 -2.96 1.72
C ASP A 110 -8.56 -4.47 1.57
N ARG A 111 -7.42 -5.11 1.77
CA ARG A 111 -7.32 -6.56 1.60
C ARG A 111 -6.29 -7.15 2.56
N GLY A 112 -5.66 -8.23 2.09
CA GLY A 112 -4.61 -8.90 2.84
C GLY A 112 -3.38 -8.67 2.00
N LEU A 113 -2.30 -8.21 2.64
CA LEU A 113 -1.04 -7.90 1.95
C LEU A 113 -0.33 -9.01 1.19
N VAL A 114 -0.86 -10.22 1.32
CA VAL A 114 -0.30 -11.39 0.64
C VAL A 114 -1.43 -11.88 -0.26
N LEU A 115 -1.13 -12.16 -1.53
CA LEU A 115 -2.20 -12.59 -2.41
C LEU A 115 -1.86 -13.41 -3.67
N MET A 116 -2.85 -14.20 -4.11
CA MET A 116 -2.73 -15.06 -5.28
C MET A 116 -2.62 -14.17 -6.50
N PRO A 117 -1.98 -14.67 -7.57
CA PRO A 117 -1.85 -13.86 -8.79
C PRO A 117 -3.24 -13.61 -9.31
N GLY A 118 -3.38 -12.66 -10.22
CA GLY A 118 -4.68 -12.38 -10.77
C GLY A 118 -5.62 -11.68 -9.81
N GLU A 119 -5.39 -11.83 -8.52
CA GLU A 119 -6.23 -11.15 -7.53
C GLU A 119 -6.16 -9.63 -7.70
N ASN A 120 -7.17 -8.92 -7.20
CA ASN A 120 -7.19 -7.46 -7.31
C ASN A 120 -7.04 -6.80 -5.93
N ILE A 121 -6.36 -5.67 -5.89
CA ILE A 121 -6.16 -4.94 -4.64
C ILE A 121 -5.83 -3.49 -4.96
N SER A 122 -6.25 -2.60 -4.07
CA SER A 122 -5.98 -1.21 -4.28
C SER A 122 -5.37 -0.67 -3.00
N LEU A 123 -4.39 0.21 -3.14
CA LEU A 123 -3.74 0.81 -1.98
C LEU A 123 -4.32 2.21 -1.85
N THR A 124 -4.53 2.64 -0.61
CA THR A 124 -5.09 3.96 -0.34
C THR A 124 -4.10 4.85 0.38
N CYS A 125 -3.97 6.08 -0.07
CA CYS A 125 -3.04 6.99 0.57
C CYS A 125 -3.78 8.23 1.06
N SER A 126 -3.87 8.35 2.38
CA SER A 126 -4.58 9.44 3.01
C SER A 126 -3.68 10.53 3.57
N SER A 127 -4.31 11.51 4.22
CA SER A 127 -3.61 12.64 4.84
C SER A 127 -4.59 13.49 5.63
N ALA A 128 -4.98 13.02 6.80
CA ALA A 128 -5.93 13.70 7.66
C ALA A 128 -5.48 15.08 8.15
N HIS A 129 -4.97 15.89 7.23
CA HIS A 129 -4.50 17.23 7.57
C HIS A 129 -4.06 18.03 6.35
N ILE A 130 -3.08 17.50 5.61
CA ILE A 130 -2.55 18.17 4.43
C ILE A 130 -3.34 17.86 3.16
N PRO A 131 -4.09 18.86 2.65
CA PRO A 131 -4.91 18.73 1.45
C PRO A 131 -4.11 18.56 0.16
N PHE A 132 -3.36 17.46 0.06
CA PHE A 132 -2.56 17.22 -1.13
C PHE A 132 -3.43 17.16 -2.38
N ASP A 133 -3.00 17.85 -3.44
CA ASP A 133 -3.75 17.86 -4.67
C ASP A 133 -3.78 16.48 -5.29
N ARG A 134 -2.61 15.86 -5.41
CA ARG A 134 -2.52 14.52 -5.98
C ARG A 134 -1.58 13.67 -5.15
N PHE A 135 -1.48 12.38 -5.49
CA PHE A 135 -0.62 11.44 -4.79
C PHE A 135 0.14 10.56 -5.73
N SER A 136 1.32 10.12 -5.29
CA SER A 136 2.12 9.24 -6.11
C SER A 136 2.55 8.03 -5.30
N LEU A 137 2.43 6.86 -5.93
CA LEU A 137 2.79 5.59 -5.32
C LEU A 137 4.09 5.14 -5.94
N ALA A 138 5.05 4.80 -5.08
CA ALA A 138 6.35 4.35 -5.53
C ALA A 138 6.64 2.95 -5.01
N LYS A 139 7.39 2.19 -5.79
CA LYS A 139 7.81 0.84 -5.43
C LYS A 139 9.31 0.98 -5.19
N GLU A 140 9.64 0.91 -3.90
CA GLU A 140 11.00 1.06 -3.42
C GLU A 140 12.14 0.52 -4.27
N GLY A 141 12.13 -0.78 -4.57
CA GLY A 141 13.21 -1.30 -5.40
C GLY A 141 13.50 -0.50 -6.67
N GLU A 142 12.46 -0.27 -7.47
CA GLU A 142 12.57 0.45 -8.75
C GLU A 142 13.58 1.61 -8.85
N LEU A 143 14.29 1.64 -9.97
CA LEU A 143 15.29 2.68 -10.26
C LEU A 143 14.70 3.68 -11.25
N SER A 144 13.85 4.58 -10.78
CA SER A 144 13.25 5.54 -11.68
C SER A 144 12.32 6.51 -10.99
N LEU A 145 11.42 7.07 -11.79
CA LEU A 145 10.46 8.04 -11.29
C LEU A 145 9.04 7.51 -11.22
N PRO A 146 8.46 7.50 -10.01
CA PRO A 146 7.10 7.01 -9.77
C PRO A 146 6.13 7.67 -10.74
N GLN A 147 5.52 6.89 -11.61
CA GLN A 147 4.57 7.46 -12.55
C GLN A 147 3.12 7.14 -12.16
N HIS A 148 2.94 6.10 -11.34
CA HIS A 148 1.62 5.71 -10.91
C HIS A 148 1.08 6.70 -9.89
N GLN A 149 0.23 7.62 -10.32
CA GLN A 149 -0.33 8.60 -9.39
C GLN A 149 -1.85 8.63 -9.44
N SER A 150 -2.47 9.46 -8.60
CA SER A 150 -3.92 9.59 -8.55
C SER A 150 -4.30 10.90 -7.87
N GLY A 151 -5.36 11.52 -8.40
CA GLY A 151 -5.84 12.78 -7.88
C GLY A 151 -6.99 12.59 -6.92
N GLU A 152 -7.56 11.39 -6.93
CA GLU A 152 -8.68 11.10 -6.05
C GLU A 152 -8.31 11.45 -4.62
N HIS A 153 -9.16 12.21 -3.95
CA HIS A 153 -8.93 12.58 -2.57
C HIS A 153 -8.87 11.32 -1.72
N PRO A 154 -9.76 10.36 -1.99
CA PRO A 154 -9.69 9.14 -1.19
C PRO A 154 -8.35 8.47 -1.51
N ALA A 155 -7.84 8.80 -2.70
CA ALA A 155 -6.55 8.31 -3.19
C ALA A 155 -6.50 6.82 -3.41
N ASN A 156 -7.01 6.38 -4.56
CA ASN A 156 -7.04 4.97 -4.91
C ASN A 156 -5.98 4.58 -5.93
N PHE A 157 -5.14 3.62 -5.56
CA PHE A 157 -4.09 3.11 -6.45
C PHE A 157 -4.39 1.65 -6.72
N SER A 158 -5.06 1.37 -7.83
CA SER A 158 -5.39 -0.03 -8.14
C SER A 158 -4.22 -0.71 -8.82
N LEU A 159 -4.21 -2.04 -8.80
CA LEU A 159 -3.15 -2.78 -9.47
C LEU A 159 -3.71 -3.94 -10.28
N GLY A 160 -4.98 -3.81 -10.68
CA GLY A 160 -5.65 -4.82 -11.47
C GLY A 160 -5.19 -6.23 -11.15
N PRO A 161 -5.22 -7.14 -12.13
CA PRO A 161 -4.76 -8.51 -11.88
C PRO A 161 -3.29 -8.56 -11.50
N VAL A 162 -2.99 -8.82 -10.23
CA VAL A 162 -1.60 -8.88 -9.75
C VAL A 162 -0.80 -10.10 -10.22
N ASP A 163 0.49 -9.89 -10.47
CA ASP A 163 1.39 -10.95 -10.86
C ASP A 163 2.64 -10.85 -9.98
N LEU A 164 3.35 -11.95 -9.82
CA LEU A 164 4.55 -12.00 -8.96
C LEU A 164 5.42 -10.75 -8.98
N ASN A 165 5.30 -9.96 -10.05
CA ASN A 165 6.09 -8.74 -10.19
C ASN A 165 5.55 -7.60 -9.30
N VAL A 166 4.31 -7.72 -8.85
CA VAL A 166 3.71 -6.70 -7.97
C VAL A 166 4.32 -6.75 -6.57
N SER A 167 4.83 -7.91 -6.17
CA SER A 167 5.45 -8.07 -4.87
C SER A 167 6.50 -6.98 -4.63
N GLY A 168 6.70 -6.60 -3.36
CA GLY A 168 7.67 -5.56 -3.03
C GLY A 168 7.14 -4.56 -2.02
N ILE A 169 7.98 -3.59 -1.62
CA ILE A 169 7.55 -2.58 -0.64
C ILE A 169 7.13 -1.29 -1.35
N TYR A 170 5.97 -0.78 -0.97
CA TYR A 170 5.47 0.45 -1.57
C TYR A 170 5.37 1.61 -0.59
N ARG A 171 5.60 2.81 -1.10
CA ARG A 171 5.51 4.05 -0.32
C ARG A 171 4.71 5.09 -1.12
N CYS A 172 4.06 6.00 -0.41
CA CYS A 172 3.26 7.03 -1.06
C CYS A 172 3.76 8.44 -0.72
N TYR A 173 3.56 9.40 -1.64
CA TYR A 173 4.04 10.77 -1.43
C TYR A 173 3.05 11.93 -1.52
N GLY A 174 3.40 13.04 -0.83
CA GLY A 174 2.61 14.27 -0.76
C GLY A 174 2.10 14.74 -2.10
N TRP A 175 2.75 15.72 -2.71
CA TRP A 175 2.38 16.16 -4.08
C TRP A 175 1.30 17.28 -4.22
N TYR A 176 1.74 18.44 -4.72
CA TYR A 176 0.84 19.58 -4.94
C TYR A 176 0.93 20.08 -6.38
N ASN A 177 -0.21 20.39 -6.96
CA ASN A 177 -0.28 20.90 -8.32
C ASN A 177 0.52 22.19 -8.48
N ARG A 178 0.38 23.10 -7.53
CA ARG A 178 1.12 24.34 -7.60
C ARG A 178 2.57 23.97 -7.72
N SER A 179 3.08 23.12 -6.81
CA SER A 179 4.48 22.70 -6.84
C SER A 179 4.61 21.19 -7.01
N PRO A 180 4.47 20.72 -8.24
CA PRO A 180 4.53 19.33 -8.74
C PRO A 180 5.78 18.52 -8.40
N TYR A 181 6.96 19.12 -8.52
CA TYR A 181 8.20 18.41 -8.26
C TYR A 181 8.63 18.37 -6.81
N LEU A 182 7.76 18.86 -5.92
CA LEU A 182 8.02 18.86 -4.50
C LEU A 182 7.07 17.90 -3.81
N TRP A 183 7.61 16.82 -3.25
CA TRP A 183 6.78 15.83 -2.59
C TRP A 183 6.99 15.83 -1.10
N SER A 184 6.11 15.13 -0.40
CA SER A 184 6.18 15.04 1.04
C SER A 184 7.21 14.00 1.40
N PHE A 185 7.36 13.74 2.70
CA PHE A 185 8.26 12.70 3.17
C PHE A 185 7.49 11.45 2.77
N PRO A 186 8.21 10.33 2.55
CA PRO A 186 7.51 9.11 2.17
C PRO A 186 6.47 8.78 3.23
N SER A 187 5.44 8.05 2.83
CA SER A 187 4.42 7.62 3.78
C SER A 187 5.02 6.37 4.44
N ASN A 188 4.19 5.67 5.22
CA ASN A 188 4.66 4.46 5.86
C ASN A 188 4.83 3.51 4.70
N ALA A 189 5.76 2.58 4.81
CA ALA A 189 5.94 1.62 3.72
C ALA A 189 4.86 0.55 3.83
N LEU A 190 4.52 -0.10 2.72
CA LEU A 190 3.51 -1.15 2.74
C LEU A 190 3.95 -2.31 1.85
N GLU A 191 4.24 -3.47 2.46
CA GLU A 191 4.72 -4.65 1.71
C GLU A 191 3.65 -5.59 1.22
N LEU A 192 3.83 -6.03 -0.02
CA LEU A 192 2.90 -6.95 -0.65
C LEU A 192 3.68 -8.09 -1.22
N VAL A 193 3.09 -9.28 -1.19
CA VAL A 193 3.74 -10.46 -1.72
C VAL A 193 2.75 -11.36 -2.42
N VAL A 194 2.94 -11.48 -3.72
CA VAL A 194 2.10 -12.31 -4.56
C VAL A 194 2.77 -13.67 -4.66
N THR A 195 2.00 -14.73 -4.41
CA THR A 195 2.53 -16.07 -4.51
C THR A 195 1.38 -16.97 -4.91
N ALA A 196 1.63 -17.80 -5.89
CA ALA A 196 0.61 -18.70 -6.38
C ALA A 196 0.51 -19.95 -5.48
N ILE A 197 1.50 -20.11 -4.60
CA ILE A 197 1.55 -21.23 -3.68
C ILE A 197 0.68 -20.96 -2.45
N ASP A 198 -0.25 -21.86 -2.16
CA ASP A 198 -1.14 -21.69 -1.01
C ASP A 198 -1.89 -22.98 -0.69
N GLU B 2 2.89 -18.37 -10.67
CA GLU B 2 4.04 -19.31 -10.69
C GLU B 2 4.58 -19.54 -9.28
N GLY B 3 3.79 -19.14 -8.29
CA GLY B 3 4.19 -19.30 -6.90
C GLY B 3 5.57 -18.79 -6.59
N ASP B 4 5.66 -17.54 -6.15
CA ASP B 4 6.94 -16.94 -5.81
C ASP B 4 7.58 -17.69 -4.64
N PHE B 5 7.22 -17.30 -3.42
CA PHE B 5 7.78 -17.94 -2.24
C PHE B 5 6.72 -18.21 -1.17
N PRO B 6 6.86 -19.35 -0.47
CA PRO B 6 5.95 -19.75 0.59
C PRO B 6 6.01 -18.84 1.82
N MET B 7 4.86 -18.32 2.22
CA MET B 7 4.74 -17.45 3.38
C MET B 7 4.14 -18.29 4.50
N PRO B 8 4.32 -17.89 5.76
CA PRO B 8 3.69 -18.74 6.78
C PRO B 8 2.23 -18.34 6.95
N PHE B 9 1.33 -19.33 6.95
CA PHE B 9 -0.10 -19.07 7.08
C PHE B 9 -0.50 -18.56 8.48
N ILE B 10 -1.63 -17.85 8.56
CA ILE B 10 -2.09 -17.38 9.85
C ILE B 10 -3.60 -17.46 9.91
N SER B 11 -4.09 -18.67 10.13
CA SER B 11 -5.53 -18.90 10.21
C SER B 11 -6.17 -18.43 11.52
N ALA B 12 -7.49 -18.46 11.54
CA ALA B 12 -8.26 -18.04 12.70
C ALA B 12 -9.21 -19.19 12.99
N LYS B 13 -9.07 -19.77 14.18
CA LYS B 13 -9.91 -20.88 14.58
C LYS B 13 -11.35 -20.45 14.79
N SER B 14 -11.56 -19.31 15.46
CA SER B 14 -12.91 -18.79 15.66
C SER B 14 -13.17 -17.81 14.51
N SER B 15 -14.37 -17.25 14.45
CA SER B 15 -14.69 -16.29 13.39
C SER B 15 -13.88 -15.00 13.54
N PRO B 16 -13.42 -14.42 12.41
CA PRO B 16 -12.63 -13.19 12.34
C PRO B 16 -13.52 -11.99 12.63
N VAL B 17 -14.82 -12.27 12.78
CA VAL B 17 -15.79 -11.24 13.10
C VAL B 17 -16.14 -11.45 14.56
N ILE B 18 -15.60 -10.59 15.42
CA ILE B 18 -15.81 -10.70 16.86
C ILE B 18 -16.76 -9.65 17.46
N PRO B 19 -17.74 -10.11 18.26
CA PRO B 19 -18.72 -9.24 18.92
C PRO B 19 -17.95 -8.31 19.84
N LEU B 20 -18.53 -7.16 20.14
CA LEU B 20 -17.90 -6.18 20.99
C LEU B 20 -16.80 -6.69 21.92
N ASP B 21 -17.16 -7.28 23.07
CA ASP B 21 -16.15 -7.75 24.03
C ASP B 21 -15.76 -9.23 23.89
N GLY B 22 -15.93 -9.80 22.69
CA GLY B 22 -15.60 -11.20 22.48
C GLY B 22 -14.14 -11.56 22.63
N SER B 23 -13.79 -12.72 22.07
CA SER B 23 -12.43 -13.23 22.10
C SER B 23 -12.23 -14.12 20.89
N VAL B 24 -11.03 -14.16 20.34
CA VAL B 24 -10.73 -14.99 19.18
C VAL B 24 -9.47 -15.82 19.40
N LYS B 25 -9.38 -16.92 18.66
CA LYS B 25 -8.24 -17.82 18.74
C LYS B 25 -7.52 -17.81 17.40
N ILE B 26 -6.24 -17.43 17.39
CA ILE B 26 -5.49 -17.39 16.14
C ILE B 26 -4.36 -18.41 16.16
N GLN B 27 -3.99 -18.89 14.99
CA GLN B 27 -2.92 -19.86 14.91
C GLN B 27 -1.95 -19.50 13.80
N CYS B 28 -0.66 -19.52 14.14
CA CYS B 28 0.42 -19.18 13.22
C CYS B 28 1.04 -20.47 12.70
N GLN B 29 1.65 -20.39 11.52
CA GLN B 29 2.33 -21.51 10.91
C GLN B 29 3.69 -21.68 11.60
N ALA B 30 4.01 -22.88 12.05
CA ALA B 30 5.28 -23.10 12.71
C ALA B 30 6.49 -22.86 11.79
N ILE B 31 7.56 -22.28 12.34
CA ILE B 31 8.79 -22.02 11.61
C ILE B 31 9.91 -22.63 12.45
N ARG B 32 10.38 -23.81 12.05
CA ARG B 32 11.42 -24.52 12.78
C ARG B 32 12.60 -23.69 13.26
N GLU B 33 12.95 -22.63 12.52
CA GLU B 33 14.10 -21.80 12.89
C GLU B 33 13.81 -20.63 13.83
N ALA B 34 12.57 -20.49 14.27
CA ALA B 34 12.21 -19.37 15.15
C ALA B 34 12.44 -19.64 16.63
N TYR B 35 13.25 -18.79 17.25
CA TYR B 35 13.52 -18.94 18.67
C TYR B 35 12.28 -18.50 19.45
N LEU B 36 11.52 -17.58 18.88
CA LEU B 36 10.32 -17.08 19.52
C LEU B 36 9.30 -16.65 18.47
N THR B 37 8.02 -16.92 18.74
CA THR B 37 6.97 -16.52 17.80
C THR B 37 5.89 -15.79 18.59
N GLN B 38 5.62 -14.54 18.19
CA GLN B 38 4.62 -13.73 18.88
C GLN B 38 3.63 -13.13 17.90
N LEU B 39 2.36 -13.13 18.28
CA LEU B 39 1.29 -12.55 17.49
C LEU B 39 1.47 -11.02 17.58
N MET B 40 1.49 -10.37 16.42
CA MET B 40 1.65 -8.92 16.31
C MET B 40 0.45 -8.32 15.61
N ILE B 41 0.12 -7.10 16.00
CA ILE B 41 -0.99 -6.40 15.39
C ILE B 41 -0.40 -5.12 14.81
N ILE B 42 -0.82 -4.74 13.61
CA ILE B 42 -0.28 -3.53 13.01
C ILE B 42 -1.15 -2.35 13.46
N LYS B 43 -0.55 -1.35 14.09
CA LYS B 43 -1.35 -0.23 14.58
C LYS B 43 -1.21 1.03 13.73
N ASN B 44 -0.31 1.92 14.15
CA ASN B 44 -0.09 3.14 13.40
C ASN B 44 1.03 2.73 12.45
N SER B 45 0.76 1.70 11.66
CA SER B 45 1.74 1.18 10.72
C SER B 45 2.96 0.73 11.50
N THR B 46 2.73 0.14 12.67
CA THR B 46 3.80 -0.34 13.53
C THR B 46 3.44 -1.68 14.16
N TYR B 47 4.39 -2.59 14.28
CA TYR B 47 4.10 -3.92 14.87
C TYR B 47 4.06 -3.88 16.40
N ARG B 48 2.92 -4.27 16.97
CA ARG B 48 2.76 -4.26 18.43
C ARG B 48 2.36 -5.64 18.98
N GLU B 49 3.09 -6.12 19.99
CA GLU B 49 2.79 -7.43 20.55
C GLU B 49 1.40 -7.42 21.15
N ILE B 50 0.68 -8.51 20.94
CA ILE B 50 -0.68 -8.61 21.46
C ILE B 50 -1.14 -10.08 21.52
N GLY B 51 -2.09 -10.36 22.41
CA GLY B 51 -2.63 -11.70 22.57
C GLY B 51 -1.85 -12.53 23.58
N ARG B 52 -2.28 -13.78 23.76
CA ARG B 52 -1.61 -14.71 24.69
C ARG B 52 -1.45 -16.07 24.04
N ARG B 53 -0.26 -16.64 24.22
CA ARG B 53 0.09 -17.94 23.66
C ARG B 53 -0.62 -19.12 24.33
N LEU B 54 -0.85 -20.15 23.53
CA LEU B 54 -1.49 -21.37 23.98
C LEU B 54 -0.52 -22.48 23.59
N LYS B 55 0.16 -23.05 24.57
CA LYS B 55 1.12 -24.14 24.28
C LYS B 55 0.58 -25.53 24.58
N PHE B 56 0.84 -26.47 23.69
CA PHE B 56 0.42 -27.83 23.96
C PHE B 56 1.57 -28.74 23.56
N TRP B 57 1.84 -29.78 24.35
CA TRP B 57 2.93 -30.68 23.99
C TRP B 57 2.56 -31.15 22.58
N ASN B 58 1.29 -31.55 22.45
CA ASN B 58 0.66 -32.04 21.23
C ASN B 58 0.96 -31.05 20.08
N GLU B 59 0.72 -29.76 20.36
CA GLU B 59 0.92 -28.64 19.44
C GLU B 59 1.91 -28.81 18.30
N THR B 60 1.51 -28.32 17.13
CA THR B 60 2.33 -28.35 15.91
C THR B 60 2.63 -26.92 15.49
N ASP B 61 1.58 -26.11 15.40
CA ASP B 61 1.68 -24.71 15.02
C ASP B 61 1.16 -23.84 16.17
N PRO B 62 1.95 -22.84 16.58
CA PRO B 62 1.64 -21.90 17.67
C PRO B 62 0.24 -21.30 17.64
N GLU B 63 -0.48 -21.39 18.74
CA GLU B 63 -1.81 -20.81 18.78
C GLU B 63 -1.84 -19.68 19.80
N PHE B 64 -2.62 -18.66 19.51
CA PHE B 64 -2.75 -17.53 20.40
C PHE B 64 -4.23 -17.32 20.66
N VAL B 65 -4.54 -16.39 21.54
CA VAL B 65 -5.91 -16.10 21.83
C VAL B 65 -5.98 -14.69 22.33
N ILE B 66 -6.96 -13.97 21.82
CA ILE B 66 -7.16 -12.60 22.22
C ILE B 66 -8.37 -12.61 23.09
N ASP B 67 -8.28 -11.97 24.24
CA ASP B 67 -9.40 -11.91 25.17
C ASP B 67 -9.86 -10.46 25.27
N HIS B 68 -11.16 -10.26 25.40
CA HIS B 68 -11.73 -8.93 25.52
C HIS B 68 -11.40 -8.10 24.28
N MET B 69 -12.17 -8.29 23.22
CA MET B 69 -11.97 -7.56 21.97
C MET B 69 -12.54 -6.14 22.04
N ASP B 70 -11.75 -5.16 21.62
CA ASP B 70 -12.17 -3.77 21.57
C ASP B 70 -11.68 -3.17 20.26
N ALA B 71 -12.04 -1.92 20.00
CA ALA B 71 -11.63 -1.29 18.76
C ALA B 71 -10.12 -1.42 18.56
N ASN B 72 -9.37 -1.14 19.62
CA ASN B 72 -7.91 -1.23 19.58
C ASN B 72 -7.39 -2.55 19.01
N LYS B 73 -8.08 -3.65 19.29
CA LYS B 73 -7.64 -4.95 18.81
C LYS B 73 -8.17 -5.34 17.43
N ALA B 74 -8.95 -4.46 16.83
CA ALA B 74 -9.50 -4.70 15.50
C ALA B 74 -8.49 -4.22 14.47
N GLY B 75 -8.29 -5.01 13.41
CA GLY B 75 -7.34 -4.62 12.39
C GLY B 75 -6.54 -5.77 11.81
N ARG B 76 -5.38 -5.45 11.25
CA ARG B 76 -4.46 -6.43 10.64
C ARG B 76 -3.51 -7.07 11.63
N TYR B 77 -3.33 -8.38 11.47
CA TYR B 77 -2.44 -9.14 12.33
C TYR B 77 -1.47 -9.96 11.50
N GLN B 78 -0.29 -10.17 12.06
CA GLN B 78 0.73 -10.99 11.43
C GLN B 78 1.48 -11.70 12.54
N CYS B 79 2.26 -12.72 12.19
CA CYS B 79 3.03 -13.45 13.19
C CYS B 79 4.48 -13.06 13.00
N GLN B 80 5.12 -12.73 14.11
CA GLN B 80 6.51 -12.31 14.07
C GLN B 80 7.40 -13.43 14.56
N TYR B 81 8.25 -13.91 13.66
CA TYR B 81 9.17 -14.98 13.99
C TYR B 81 10.59 -14.43 14.14
N ARG B 82 11.11 -14.48 15.36
CA ARG B 82 12.45 -14.00 15.67
C ARG B 82 13.39 -15.16 15.41
N ILE B 83 14.08 -15.18 14.28
CA ILE B 83 14.97 -16.31 14.01
C ILE B 83 16.45 -16.09 14.30
N GLY B 84 16.74 -15.19 15.24
CA GLY B 84 18.12 -14.94 15.61
C GLY B 84 18.83 -13.86 14.81
N HIS B 85 19.86 -13.28 15.39
CA HIS B 85 20.64 -12.24 14.72
C HIS B 85 19.81 -11.04 14.28
N TYR B 86 18.79 -10.74 15.07
CA TYR B 86 17.92 -9.62 14.79
C TYR B 86 17.17 -9.72 13.48
N ARG B 87 17.15 -10.91 12.88
CA ARG B 87 16.42 -11.08 11.64
C ARG B 87 15.08 -11.72 11.99
N PHE B 88 14.02 -11.00 11.67
CA PHE B 88 12.66 -11.44 11.88
C PHE B 88 12.08 -11.75 10.51
N ARG B 89 10.94 -12.43 10.51
CA ARG B 89 10.20 -12.73 9.30
C ARG B 89 8.76 -12.85 9.80
N TYR B 90 7.80 -12.54 8.93
CA TYR B 90 6.40 -12.56 9.33
C TYR B 90 5.54 -13.51 8.53
N SER B 91 4.39 -13.87 9.08
CA SER B 91 3.44 -14.76 8.42
C SER B 91 2.61 -13.92 7.46
N ASP B 92 1.60 -14.54 6.85
CA ASP B 92 0.76 -13.76 5.98
C ASP B 92 -0.10 -12.87 6.90
N THR B 93 -0.97 -12.06 6.34
CA THR B 93 -1.79 -11.16 7.12
C THR B 93 -3.18 -11.68 7.41
N LEU B 94 -3.65 -11.42 8.62
CA LEU B 94 -4.99 -11.82 9.04
C LEU B 94 -5.70 -10.54 9.46
N GLU B 95 -7.00 -10.45 9.19
CA GLU B 95 -7.74 -9.27 9.58
C GLU B 95 -8.87 -9.64 10.51
N LEU B 96 -9.04 -8.83 11.54
CA LEU B 96 -10.10 -9.08 12.50
C LEU B 96 -10.93 -7.84 12.63
N VAL B 97 -12.25 -8.01 12.64
CA VAL B 97 -13.16 -6.87 12.78
C VAL B 97 -13.97 -7.03 14.05
N VAL B 98 -14.25 -5.90 14.71
CA VAL B 98 -15.04 -5.87 15.94
C VAL B 98 -16.43 -5.40 15.56
N THR B 99 -17.46 -6.05 16.11
CA THR B 99 -18.83 -5.65 15.80
C THR B 99 -19.50 -5.05 17.05
N GLY B 100 -20.54 -4.26 16.83
CA GLY B 100 -21.27 -3.65 17.94
C GLY B 100 -20.82 -2.23 18.28
N LEU B 101 -20.27 -1.52 17.31
CA LEU B 101 -19.79 -0.16 17.52
C LEU B 101 -20.71 0.90 16.90
N TYR B 102 -21.51 0.46 15.94
CA TYR B 102 -22.43 1.35 15.27
C TYR B 102 -23.82 0.72 15.39
N GLY B 103 -24.87 1.48 15.08
CA GLY B 103 -26.22 0.95 15.17
C GLY B 103 -26.49 -0.14 14.17
N LYS B 104 -27.15 -1.22 14.61
CA LYS B 104 -27.46 -2.36 13.74
C LYS B 104 -28.42 -1.99 12.59
N PRO B 105 -28.21 -2.58 11.41
CA PRO B 105 -29.10 -2.27 10.28
C PRO B 105 -30.30 -3.20 10.25
N PHE B 106 -30.48 -3.87 9.10
CA PHE B 106 -31.58 -4.80 8.92
C PHE B 106 -31.40 -5.51 7.58
N LEU B 107 -31.90 -6.73 7.50
CA LEU B 107 -31.80 -7.49 6.26
C LEU B 107 -33.06 -7.41 5.43
N SER B 108 -32.96 -7.95 4.22
CA SER B 108 -34.07 -7.95 3.28
C SER B 108 -33.85 -9.12 2.31
N ALA B 109 -34.96 -9.65 1.77
CA ALA B 109 -34.89 -10.76 0.84
C ALA B 109 -36.26 -11.19 0.34
N ASP B 110 -36.29 -12.27 -0.44
CA ASP B 110 -37.53 -12.82 -0.99
C ASP B 110 -37.54 -14.36 -0.92
N ARG B 111 -37.82 -14.88 0.28
CA ARG B 111 -37.85 -16.32 0.54
C ARG B 111 -38.33 -17.15 -0.66
N LEU B 123 -30.53 -10.98 -1.17
CA LEU B 123 -30.59 -10.36 0.15
C LEU B 123 -30.18 -8.89 0.07
N THR B 124 -30.69 -8.07 0.97
CA THR B 124 -30.36 -6.65 0.97
C THR B 124 -30.30 -6.11 2.39
N CYS B 125 -29.41 -5.14 2.60
CA CYS B 125 -29.27 -4.53 3.93
C CYS B 125 -29.49 -3.02 3.80
N SER B 126 -30.25 -2.46 4.73
CA SER B 126 -30.52 -1.03 4.68
C SER B 126 -30.41 -0.38 6.05
N SER B 127 -30.12 0.91 6.05
CA SER B 127 -30.00 1.67 7.29
C SER B 127 -30.88 2.91 7.21
N ALA B 128 -31.96 2.94 8.00
CA ALA B 128 -32.86 4.08 8.01
C ALA B 128 -32.43 5.12 9.05
N HIS B 129 -31.11 5.35 9.14
CA HIS B 129 -30.58 6.31 10.09
C HIS B 129 -29.06 6.48 9.98
N ILE B 130 -28.33 5.39 10.12
CA ILE B 130 -26.88 5.43 10.05
C ILE B 130 -26.36 5.30 8.62
N PRO B 131 -25.77 6.39 8.07
CA PRO B 131 -25.22 6.45 6.71
C PRO B 131 -23.95 5.63 6.55
N PHE B 132 -24.06 4.31 6.72
CA PHE B 132 -22.88 3.46 6.57
C PHE B 132 -22.28 3.58 5.17
N ASP B 133 -20.97 3.77 5.11
CA ASP B 133 -20.28 3.89 3.84
C ASP B 133 -20.44 2.61 3.02
N ARG B 134 -20.15 1.47 3.64
CA ARG B 134 -20.25 0.20 2.96
C ARG B 134 -20.96 -0.82 3.85
N PHE B 135 -21.22 -2.02 3.32
CA PHE B 135 -21.90 -3.09 4.05
C PHE B 135 -21.23 -4.44 3.83
N SER B 136 -21.29 -5.31 4.82
CA SER B 136 -20.73 -6.64 4.66
C SER B 136 -21.73 -7.69 5.14
N LEU B 137 -21.91 -8.72 4.33
CA LEU B 137 -22.83 -9.80 4.68
C LEU B 137 -22.04 -11.06 5.03
N ALA B 138 -22.24 -11.55 6.25
CA ALA B 138 -21.54 -12.73 6.74
C ALA B 138 -22.47 -13.93 6.89
N LYS B 139 -21.86 -15.10 6.78
CA LYS B 139 -22.56 -16.38 6.92
C LYS B 139 -21.95 -17.02 8.18
N GLU B 140 -22.67 -17.03 9.29
CA GLU B 140 -22.12 -17.62 10.51
C GLU B 140 -21.34 -18.92 10.24
N GLY B 141 -20.27 -19.11 11.01
CA GLY B 141 -19.45 -20.31 10.86
C GLY B 141 -18.20 -20.05 10.04
N GLU B 142 -18.33 -19.25 8.98
CA GLU B 142 -17.20 -18.95 8.12
C GLU B 142 -16.09 -18.37 8.97
N LEU B 143 -14.87 -18.81 8.72
CA LEU B 143 -13.72 -18.35 9.47
C LEU B 143 -12.90 -17.36 8.66
N SER B 144 -13.60 -16.56 7.86
CA SER B 144 -12.96 -15.53 7.03
C SER B 144 -13.90 -14.36 6.79
N LEU B 145 -13.34 -13.16 6.74
CA LEU B 145 -14.12 -11.96 6.52
C LEU B 145 -15.13 -12.19 5.42
N PRO B 146 -16.35 -11.64 5.60
CA PRO B 146 -17.44 -11.78 4.64
C PRO B 146 -17.02 -11.39 3.22
N GLN B 147 -17.31 -12.25 2.26
CA GLN B 147 -16.99 -11.98 0.87
C GLN B 147 -18.18 -11.26 0.27
N HIS B 148 -18.52 -10.10 0.84
CA HIS B 148 -19.64 -9.31 0.38
C HIS B 148 -19.59 -7.88 0.92
N GLN B 149 -18.92 -7.00 0.18
CA GLN B 149 -18.80 -5.59 0.52
C GLN B 149 -19.50 -4.83 -0.57
N SER B 150 -20.31 -3.84 -0.21
CA SER B 150 -21.02 -3.05 -1.22
C SER B 150 -20.64 -1.59 -1.14
N GLY B 151 -20.81 -0.89 -2.25
CA GLY B 151 -20.49 0.53 -2.30
C GLY B 151 -21.74 1.38 -2.15
N GLU B 152 -22.63 1.34 -3.13
CA GLU B 152 -23.86 2.12 -3.08
C GLU B 152 -24.62 1.80 -1.81
N HIS B 153 -25.02 2.83 -1.07
CA HIS B 153 -25.76 2.64 0.17
C HIS B 153 -26.88 1.63 0.02
N PRO B 154 -27.67 1.72 -1.06
CA PRO B 154 -28.75 0.73 -1.24
C PRO B 154 -28.06 -0.60 -1.56
N ALA B 155 -28.27 -1.62 -0.75
CA ALA B 155 -27.60 -2.89 -0.99
C ALA B 155 -28.43 -4.00 -1.63
N ASN B 156 -27.80 -4.74 -2.53
CA ASN B 156 -28.41 -5.86 -3.23
C ASN B 156 -27.40 -7.01 -3.15
N PHE B 157 -27.85 -8.18 -2.72
CA PHE B 157 -26.97 -9.35 -2.56
C PHE B 157 -27.01 -10.40 -3.67
N SER B 158 -26.36 -10.10 -4.79
CA SER B 158 -26.33 -11.02 -5.92
C SER B 158 -25.77 -12.38 -5.48
N LEU B 159 -26.64 -13.38 -5.42
CA LEU B 159 -26.25 -14.74 -5.03
C LEU B 159 -26.53 -15.72 -6.18
N GLY B 160 -25.46 -16.24 -6.78
CA GLY B 160 -25.61 -17.18 -7.89
C GLY B 160 -26.53 -18.36 -7.60
N PRO B 161 -26.55 -19.38 -8.47
CA PRO B 161 -27.42 -20.55 -8.26
C PRO B 161 -27.30 -21.11 -6.83
N VAL B 162 -28.36 -20.95 -6.04
CA VAL B 162 -28.40 -21.39 -4.64
C VAL B 162 -28.37 -22.91 -4.44
N ASP B 163 -28.71 -23.34 -3.21
CA ASP B 163 -28.75 -24.75 -2.82
C ASP B 163 -27.44 -25.53 -2.90
N LEU B 164 -26.38 -24.88 -3.37
CA LEU B 164 -25.08 -25.56 -3.47
C LEU B 164 -24.53 -25.86 -2.07
N ASN B 165 -23.83 -24.88 -1.50
CA ASN B 165 -23.28 -25.01 -0.17
C ASN B 165 -23.66 -23.77 0.63
N VAL B 166 -24.43 -22.89 -0.01
CA VAL B 166 -24.90 -21.64 0.59
C VAL B 166 -25.98 -21.90 1.63
N SER B 167 -25.81 -22.98 2.38
CA SER B 167 -26.75 -23.36 3.42
C SER B 167 -26.39 -22.58 4.67
N GLY B 168 -27.39 -21.97 5.31
CA GLY B 168 -27.09 -21.24 6.52
C GLY B 168 -27.71 -19.87 6.75
N ILE B 169 -27.49 -19.39 7.96
CA ILE B 169 -27.97 -18.11 8.47
C ILE B 169 -27.03 -16.96 8.10
N TYR B 170 -27.58 -15.86 7.60
CA TYR B 170 -26.74 -14.74 7.23
C TYR B 170 -27.08 -13.47 8.01
N ARG B 171 -26.06 -12.66 8.27
CA ARG B 171 -26.24 -11.40 8.97
C ARG B 171 -25.45 -10.31 8.25
N CYS B 172 -25.84 -9.06 8.46
CA CYS B 172 -25.19 -7.93 7.81
C CYS B 172 -24.59 -6.95 8.85
N TYR B 173 -23.53 -6.22 8.48
CA TYR B 173 -22.90 -5.27 9.41
C TYR B 173 -22.67 -3.83 8.95
N GLY B 174 -22.57 -2.95 9.96
CA GLY B 174 -22.36 -1.53 9.77
C GLY B 174 -21.33 -1.18 8.73
N TRP B 175 -20.10 -0.81 9.15
CA TRP B 175 -19.02 -0.52 8.20
C TRP B 175 -18.84 0.95 7.72
N TYR B 176 -17.72 1.57 8.11
CA TYR B 176 -17.39 2.94 7.69
C TYR B 176 -15.99 2.93 7.09
N ASN B 177 -15.79 3.57 5.95
CA ASN B 177 -14.48 3.57 5.31
C ASN B 177 -13.28 4.08 6.10
N ARG B 178 -13.48 5.07 6.99
CA ARG B 178 -12.37 5.58 7.79
C ARG B 178 -11.95 4.54 8.82
N SER B 179 -12.95 3.81 9.36
CA SER B 179 -12.73 2.75 10.34
C SER B 179 -13.18 1.43 9.72
N PRO B 180 -12.41 0.92 8.73
CA PRO B 180 -12.68 -0.32 8.00
C PRO B 180 -12.88 -1.51 8.89
N TYR B 181 -12.20 -1.48 10.03
CA TYR B 181 -12.28 -2.60 10.95
C TYR B 181 -13.29 -2.51 12.08
N LEU B 182 -14.10 -1.45 12.10
CA LEU B 182 -15.12 -1.28 13.12
C LEU B 182 -16.48 -1.44 12.49
N TRP B 183 -17.17 -2.48 12.90
CA TRP B 183 -18.49 -2.79 12.38
C TRP B 183 -19.61 -2.54 13.38
N SER B 184 -20.81 -2.33 12.88
CA SER B 184 -21.97 -2.09 13.73
C SER B 184 -22.47 -3.40 14.31
N PHE B 185 -23.61 -3.31 15.00
CA PHE B 185 -24.23 -4.48 15.58
C PHE B 185 -24.75 -5.34 14.44
N PRO B 186 -25.00 -6.64 14.70
CA PRO B 186 -25.50 -7.54 13.65
C PRO B 186 -26.91 -7.18 13.20
N SER B 187 -27.17 -7.36 11.91
CA SER B 187 -28.48 -7.06 11.33
C SER B 187 -29.43 -8.24 11.52
N ASN B 188 -30.64 -8.11 10.97
CA ASN B 188 -31.66 -9.16 11.05
C ASN B 188 -30.99 -10.48 10.66
N ALA B 189 -31.43 -11.57 11.27
CA ALA B 189 -30.84 -12.88 10.97
C ALA B 189 -31.62 -13.68 9.92
N LEU B 190 -31.03 -13.87 8.74
CA LEU B 190 -31.67 -14.62 7.66
C LEU B 190 -31.04 -15.99 7.41
N GLU B 191 -31.76 -17.06 7.74
CA GLU B 191 -31.27 -18.41 7.53
C GLU B 191 -31.75 -18.95 6.18
N LEU B 192 -30.82 -19.53 5.43
CA LEU B 192 -31.12 -20.07 4.10
C LEU B 192 -30.80 -21.57 3.99
N VAL B 193 -31.37 -22.22 2.97
CA VAL B 193 -31.14 -23.66 2.76
C VAL B 193 -30.90 -24.01 1.30
C1 NAG C . -10.60 2.14 -6.26
C2 NAG C . -11.69 1.76 -5.25
C3 NAG C . -12.26 0.37 -5.55
C4 NAG C . -12.72 0.24 -7.02
C5 NAG C . -11.69 0.82 -7.99
C6 NAG C . -12.14 2.06 -8.74
C7 NAG C . -11.90 1.56 -2.85
C8 NAG C . -11.87 0.15 -2.24
N2 NAG C . -11.13 1.77 -3.91
O3 NAG C . -13.36 0.12 -4.68
O4 NAG C . -12.93 -1.16 -7.34
O5 NAG C . -10.46 1.15 -7.29
O6 NAG C . -11.31 2.32 -9.87
O7 NAG C . -12.62 2.43 -2.38
C1 NAG C . -14.07 -1.80 -6.87
C2 NAG C . -14.33 -3.06 -7.70
C3 NAG C . -15.45 -3.90 -7.08
C4 NAG C . -15.23 -4.13 -5.58
C5 NAG C . -14.96 -2.80 -4.88
C6 NAG C . -14.65 -2.96 -3.40
C7 NAG C . -13.79 -2.18 -9.88
C8 NAG C . -13.94 -0.71 -10.25
N2 NAG C . -14.68 -2.69 -9.05
O3 NAG C . -15.51 -5.16 -7.74
O4 NAG C . -16.38 -4.74 -5.01
O5 NAG C . -13.83 -2.15 -5.49
O6 NAG C . -13.30 -2.60 -3.10
O7 NAG C . -12.84 -2.83 -10.32
C1 NAG D . -10.36 -7.92 -11.07
C2 NAG D . -11.05 -9.23 -11.50
C3 NAG D . -11.57 -9.08 -12.96
C4 NAG D . -12.46 -7.84 -13.06
C5 NAG D . -11.65 -6.62 -12.62
C6 NAG D . -12.39 -5.31 -12.71
C7 NAG D . -10.15 -11.34 -12.25
C8 NAG D . -9.13 -11.28 -13.38
N2 NAG D . -10.12 -10.34 -11.38
O3 NAG D . -12.30 -10.24 -13.34
O4 NAG D . -12.93 -7.68 -14.39
O5 NAG D . -11.24 -6.79 -11.25
O6 NAG D . -11.51 -4.22 -12.92
O7 NAG D . -10.94 -12.27 -12.18
C TRS E . 31.82 17.62 -24.50
C1 TRS E . 31.14 18.59 -25.45
C2 TRS E . 31.37 17.87 -23.05
C3 TRS E . 31.44 16.28 -25.11
N TRS E . 33.27 17.76 -24.43
O1 TRS E . 30.58 19.73 -24.72
O2 TRS E . 31.76 19.22 -22.52
O3 TRS E . 30.01 16.09 -25.23
C1 NAG F . 1.69 7.53 14.54
C2 NAG F . 2.56 8.52 13.74
C3 NAG F . 2.45 9.91 14.42
C4 NAG F . 0.98 10.34 14.59
C5 NAG F . 0.16 9.24 15.28
C6 NAG F . -1.33 9.54 15.31
C7 NAG F . 4.48 7.46 12.64
C8 NAG F . 4.47 8.21 11.31
N2 NAG F . 3.96 8.08 13.71
O3 NAG F . 3.15 10.89 13.66
O4 NAG F . 0.91 11.55 15.37
O5 NAG F . 0.33 7.98 14.57
O6 NAG F . -1.58 10.91 15.60
O7 NAG F . 4.99 6.34 12.69
C1 NAG G . -3.95 -33.04 20.79
C2 NAG G . -5.12 -33.14 19.79
C3 NAG G . -6.43 -33.39 20.55
C4 NAG G . -6.30 -34.61 21.49
C5 NAG G . -5.05 -34.49 22.38
C6 NAG G . -4.78 -35.75 23.20
C7 NAG G . -6.10 -31.85 17.99
C8 NAG G . -5.66 -32.43 16.66
N2 NAG G . -5.23 -31.92 19.00
O3 NAG G . -7.48 -33.63 19.61
O4 NAG G . -7.46 -34.70 22.31
O5 NAG G . -3.87 -34.24 21.56
O6 NAG G . -5.34 -36.89 22.58
O7 NAG G . -7.21 -31.33 18.10
#